data_4Q4R
#
_entry.id   4Q4R
#
_cell.length_a   89.941
_cell.length_b   64.837
_cell.length_c   70.756
_cell.angle_alpha   90.00
_cell.angle_beta   93.14
_cell.angle_gamma   90.00
#
_symmetry.space_group_name_H-M   'C 1 2 1'
#
loop_
_entity.id
_entity.type
_entity.pdbx_description
1 polymer 'Queuine tRNA-ribosyltransferase'
2 non-polymer 'ZINC ION'
3 non-polymer GLYCEROL
4 non-polymer 2-{[2-(4-Morpholinyl)ethyl]amino}-1,7-dihydro-8H-imidazo[4,5-g]quinazolin-8-one
5 water water
#
_entity_poly.entity_id   1
_entity_poly.type   'polypeptide(L)'
_entity_poly.pdbx_seq_one_letter_code
;MVEATAQETDRPRFSFSIAAREGKARTGTIEMKRGVIRTPAFMPVGTAATVKALKPETVRATGADIILGNTYHLMLRPGA
ERIAKLGGLHSFMGWDRPILTDSGGYQVMSLSSLTKQSEEGVTFKSHLDGSRHMLSPERSIEIQHLLGSDIVMAFDECTP
YPATPSRAASSMERSMRWAKRSRDAFDSRKEQAENAALFGIQQGSVFENLRQQSADALAEIGFDGYAVGGLAVGEGQDEM
FRVLDFSVPMLPDDKPHYLMGVGKPDDIVGAVERGIDMFDCVLPTRSGRNGQAFTWDGPINIRNARFSEDLKPLDSECHC
AVCQKWSRAYIHHLIRAGEILGAMLMTEHNIAFYQQLMQKIRDSISEGRFSQFAQDFRARYFARNS
;
_entity_poly.pdbx_strand_id   A
#
loop_
_chem_comp.id
_chem_comp.type
_chem_comp.name
_chem_comp.formula
GOL non-polymer GLYCEROL 'C3 H8 O3'
SQO non-polymer 2-{[2-(4-Morpholinyl)ethyl]amino}-1,7-dihydro-8H-imidazo[4,5-g]quinazolin-8-one 'C15 H18 N6 O2'
ZN non-polymer 'ZINC ION' 'Zn 2'
#
# COMPACT_ATOMS: atom_id res chain seq x y z
N ARG A 11 6.32 -11.43 18.74
CA ARG A 11 5.68 -12.51 19.49
C ARG A 11 4.19 -12.67 19.19
N PRO A 12 3.39 -11.58 19.27
CA PRO A 12 1.97 -11.83 18.97
C PRO A 12 1.70 -11.97 17.48
N ARG A 13 0.62 -12.68 17.16
CA ARG A 13 0.16 -12.83 15.78
C ARG A 13 -0.18 -11.49 15.16
N PHE A 14 -0.98 -10.69 15.87
CA PHE A 14 -1.44 -9.41 15.37
C PHE A 14 -2.01 -8.60 16.51
N SER A 15 -1.34 -7.52 16.87
CA SER A 15 -1.82 -6.64 17.93
CA SER A 15 -1.82 -6.64 17.93
C SER A 15 -1.65 -5.18 17.53
N PHE A 16 -2.76 -4.50 17.35
CA PHE A 16 -2.75 -3.08 16.98
C PHE A 16 -2.96 -2.24 18.23
N SER A 17 -2.04 -1.31 18.47
CA SER A 17 -2.13 -0.39 19.61
CA SER A 17 -2.13 -0.39 19.60
C SER A 17 -2.03 1.04 19.11
N ILE A 18 -2.99 1.87 19.51
CA ILE A 18 -2.98 3.29 19.16
C ILE A 18 -2.36 4.08 20.31
N ALA A 19 -1.23 4.74 20.02
CA ALA A 19 -0.47 5.44 21.04
C ALA A 19 -0.90 6.89 21.20
N ALA A 20 -1.42 7.47 20.12
CA ALA A 20 -1.79 8.89 20.12
C ALA A 20 -2.77 9.20 19.00
N ARG A 21 -3.56 10.26 19.22
CA ARG A 21 -4.55 10.68 18.26
C ARG A 21 -4.54 12.19 18.11
N GLU A 22 -4.94 12.65 16.93
CA GLU A 22 -5.21 14.07 16.71
C GLU A 22 -6.32 14.15 15.67
N GLY A 23 -7.49 14.58 16.13
CA GLY A 23 -8.67 14.52 15.27
C GLY A 23 -8.93 13.08 14.88
N LYS A 24 -9.05 12.83 13.58
CA LYS A 24 -9.27 11.47 13.07
C LYS A 24 -7.96 10.71 12.87
N ALA A 25 -6.84 11.42 12.95
CA ALA A 25 -5.54 10.79 12.72
C ALA A 25 -5.09 9.96 13.92
N ARG A 26 -4.44 8.83 13.66
CA ARG A 26 -3.93 7.98 14.71
C ARG A 26 -2.49 7.63 14.43
N THR A 27 -1.72 7.38 15.48
CA THR A 27 -0.41 6.79 15.33
C THR A 27 -0.23 5.68 16.35
N GLY A 28 0.47 4.62 15.96
CA GLY A 28 0.64 3.49 16.86
C GLY A 28 1.48 2.41 16.22
N THR A 29 1.22 1.17 16.61
CA THR A 29 2.02 0.03 16.14
C THR A 29 1.14 -1.18 15.91
N ILE A 30 1.51 -1.98 14.92
CA ILE A 30 0.98 -3.33 14.77
C ILE A 30 2.13 -4.29 15.06
N GLU A 31 1.98 -5.10 16.10
CA GLU A 31 2.96 -6.13 16.39
C GLU A 31 2.57 -7.43 15.73
N MET A 32 3.51 -8.03 15.01
CA MET A 32 3.30 -9.32 14.34
C MET A 32 4.50 -10.20 14.61
N LYS A 33 4.41 -11.48 14.23
CA LYS A 33 5.49 -12.40 14.55
C LYS A 33 6.81 -12.05 13.88
N ARG A 34 6.74 -11.50 12.67
CA ARG A 34 7.97 -11.18 11.94
CA ARG A 34 7.97 -11.18 11.93
C ARG A 34 8.46 -9.74 12.14
N GLY A 35 7.75 -8.97 12.97
CA GLY A 35 8.19 -7.61 13.23
C GLY A 35 7.10 -6.64 13.62
N VAL A 36 7.53 -5.44 14.00
CA VAL A 36 6.63 -4.36 14.36
C VAL A 36 6.42 -3.42 13.17
N ILE A 37 5.18 -3.00 12.96
CA ILE A 37 4.84 -2.05 11.92
C ILE A 37 4.39 -0.75 12.57
N ARG A 38 5.12 0.34 12.30
CA ARG A 38 4.76 1.65 12.83
C ARG A 38 3.72 2.30 11.93
N THR A 39 2.65 2.80 12.53
CA THR A 39 1.57 3.40 11.74
C THR A 39 1.38 4.87 12.09
N PRO A 40 0.98 5.70 11.11
CA PRO A 40 0.69 5.33 9.72
C PRO A 40 1.91 4.78 8.96
N ALA A 41 1.66 3.75 8.16
CA ALA A 41 2.71 3.01 7.46
C ALA A 41 2.59 3.14 5.96
N PHE A 42 3.74 3.23 5.29
CA PHE A 42 3.78 3.09 3.85
C PHE A 42 4.49 1.80 3.47
N MET A 43 3.83 1.01 2.62
CA MET A 43 4.37 -0.25 2.13
C MET A 43 4.92 -0.11 0.72
N PRO A 44 6.25 -0.24 0.56
CA PRO A 44 6.80 -0.34 -0.79
C PRO A 44 6.23 -1.58 -1.47
N VAL A 45 6.03 -1.49 -2.78
CA VAL A 45 5.42 -2.58 -3.52
C VAL A 45 6.46 -3.50 -4.15
N GLY A 46 6.35 -4.80 -3.86
CA GLY A 46 7.17 -5.82 -4.49
C GLY A 46 6.32 -6.46 -5.57
N THR A 47 6.66 -6.22 -6.83
CA THR A 47 5.80 -6.63 -7.94
C THR A 47 5.90 -8.11 -8.28
N ALA A 48 7.12 -8.58 -8.52
CA ALA A 48 7.34 -9.99 -8.79
C ALA A 48 8.43 -10.50 -7.85
N ALA A 49 8.14 -10.46 -6.56
CA ALA A 49 9.06 -10.86 -5.51
C ALA A 49 10.32 -10.01 -5.45
N THR A 50 10.20 -8.74 -5.86
CA THR A 50 11.26 -7.77 -5.66
C THR A 50 10.69 -6.37 -5.63
N VAL A 51 11.18 -5.54 -4.70
CA VAL A 51 10.92 -4.10 -4.76
C VAL A 51 11.89 -3.59 -5.80
N LYS A 52 11.37 -3.12 -6.92
CA LYS A 52 12.20 -2.95 -8.12
C LYS A 52 13.44 -2.10 -7.87
N ALA A 53 14.59 -2.68 -8.22
CA ALA A 53 15.91 -2.04 -8.18
C ALA A 53 16.50 -1.89 -6.78
N LEU A 54 15.91 -2.57 -5.79
CA LEU A 54 16.42 -2.50 -4.40
C LEU A 54 16.63 -3.89 -3.79
N LYS A 55 17.79 -4.10 -3.15
CA LYS A 55 17.93 -5.26 -2.28
C LYS A 55 17.03 -5.06 -1.07
N PRO A 56 16.54 -6.15 -0.47
CA PRO A 56 15.72 -6.03 0.74
C PRO A 56 16.42 -5.25 1.87
N GLU A 57 17.73 -5.41 2.02
CA GLU A 57 18.44 -4.68 3.07
C GLU A 57 18.33 -3.16 2.84
N THR A 58 18.29 -2.75 1.57
CA THR A 58 18.15 -1.34 1.24
C THR A 58 16.73 -0.87 1.52
N VAL A 59 15.74 -1.69 1.16
CA VAL A 59 14.36 -1.37 1.50
C VAL A 59 14.25 -1.16 3.02
N ARG A 60 14.85 -2.04 3.81
CA ARG A 60 14.79 -1.87 5.26
C ARG A 60 15.54 -0.61 5.71
N ALA A 61 16.70 -0.34 5.10
CA ALA A 61 17.50 0.83 5.48
C ALA A 61 16.72 2.13 5.31
N THR A 62 15.79 2.16 4.35
CA THR A 62 14.97 3.36 4.14
C THR A 62 13.95 3.57 5.25
N GLY A 63 13.71 2.54 6.05
CA GLY A 63 12.76 2.64 7.15
C GLY A 63 11.50 1.81 7.00
N ALA A 64 11.36 1.08 5.90
CA ALA A 64 10.17 0.25 5.70
C ALA A 64 10.08 -0.87 6.72
N ASP A 65 8.88 -1.05 7.28
CA ASP A 65 8.59 -2.12 8.26
C ASP A 65 7.90 -3.32 7.63
N ILE A 66 7.31 -3.10 6.46
CA ILE A 66 6.48 -4.11 5.80
C ILE A 66 6.46 -3.75 4.31
N ILE A 67 6.39 -4.76 3.45
CA ILE A 67 6.21 -4.53 2.02
C ILE A 67 4.96 -5.21 1.54
N LEU A 68 4.45 -4.76 0.39
CA LEU A 68 3.32 -5.41 -0.25
C LEU A 68 3.84 -6.32 -1.34
N GLY A 69 3.37 -7.57 -1.34
CA GLY A 69 3.70 -8.49 -2.40
C GLY A 69 2.52 -8.65 -3.32
N ASN A 70 2.69 -8.28 -4.57
CA ASN A 70 1.67 -8.57 -5.58
C ASN A 70 1.66 -10.09 -5.73
N THR A 71 0.44 -10.65 -5.76
CA THR A 71 0.18 -12.07 -5.89
C THR A 71 -0.03 -12.50 -7.34
N TYR A 72 -0.67 -11.64 -8.12
CA TYR A 72 -1.06 -11.95 -9.49
C TYR A 72 0.10 -12.46 -10.32
N HIS A 73 1.21 -11.74 -10.32
CA HIS A 73 2.34 -12.15 -11.14
C HIS A 73 2.95 -13.45 -10.59
N LEU A 74 3.11 -13.51 -9.27
CA LEU A 74 3.72 -14.68 -8.62
C LEU A 74 2.94 -15.97 -8.81
N MET A 75 1.61 -15.88 -8.85
CA MET A 75 0.81 -17.09 -9.00
C MET A 75 0.96 -17.66 -10.41
N LEU A 76 1.40 -16.82 -11.35
CA LEU A 76 1.66 -17.27 -12.71
C LEU A 76 3.10 -17.78 -12.86
N ARG A 77 4.05 -16.98 -12.40
CA ARG A 77 5.46 -17.35 -12.43
C ARG A 77 6.17 -16.74 -11.22
N PRO A 78 6.84 -17.57 -10.41
CA PRO A 78 7.09 -19.01 -10.54
C PRO A 78 5.91 -19.89 -10.18
N GLY A 79 4.84 -19.32 -9.65
CA GLY A 79 3.72 -20.10 -9.17
C GLY A 79 3.78 -20.25 -7.66
N ALA A 80 2.61 -20.29 -7.02
CA ALA A 80 2.54 -20.32 -5.57
C ALA A 80 3.07 -21.64 -4.99
N GLU A 81 2.73 -22.76 -5.61
CA GLU A 81 3.23 -24.05 -5.13
C GLU A 81 4.76 -24.09 -5.23
N ARG A 82 5.31 -23.55 -6.31
CA ARG A 82 6.77 -23.55 -6.46
C ARG A 82 7.44 -22.67 -5.40
N ILE A 83 6.91 -21.47 -5.17
CA ILE A 83 7.47 -20.62 -4.11
C ILE A 83 7.40 -21.33 -2.76
N ALA A 84 6.28 -22.02 -2.47
CA ALA A 84 6.18 -22.77 -1.22
C ALA A 84 7.24 -23.87 -1.14
N LYS A 85 7.46 -24.58 -2.24
CA LYS A 85 8.48 -25.63 -2.28
C LYS A 85 9.87 -25.04 -2.02
N LEU A 86 10.09 -23.80 -2.45
CA LEU A 86 11.38 -23.15 -2.28
C LEU A 86 11.53 -22.50 -0.91
N GLY A 87 10.51 -22.62 -0.07
CA GLY A 87 10.61 -22.15 1.30
C GLY A 87 9.74 -20.95 1.63
N GLY A 88 8.93 -20.50 0.68
CA GLY A 88 8.07 -19.36 0.91
C GLY A 88 8.63 -18.05 0.40
N LEU A 89 7.77 -17.06 0.25
CA LEU A 89 8.16 -15.77 -0.33
C LEU A 89 9.25 -15.07 0.48
N HIS A 90 9.17 -15.11 1.81
CA HIS A 90 10.17 -14.42 2.63
C HIS A 90 11.58 -14.91 2.34
N SER A 91 11.75 -16.23 2.39
CA SER A 91 13.04 -16.85 2.12
C SER A 91 13.49 -16.62 0.68
N PHE A 92 12.54 -16.77 -0.24
CA PHE A 92 12.81 -16.66 -1.67
C PHE A 92 13.43 -15.32 -2.01
N MET A 93 12.81 -14.24 -1.54
CA MET A 93 13.29 -12.90 -1.90
C MET A 93 14.25 -12.29 -0.89
N GLY A 94 14.38 -12.91 0.28
CA GLY A 94 15.27 -12.40 1.31
C GLY A 94 14.76 -11.23 2.14
N TRP A 95 13.45 -11.18 2.34
CA TRP A 95 12.82 -10.20 3.22
C TRP A 95 12.20 -10.96 4.38
N ASP A 96 12.71 -10.75 5.59
CA ASP A 96 12.28 -11.55 6.74
C ASP A 96 11.23 -10.88 7.64
N ARG A 97 10.79 -9.69 7.24
CA ARG A 97 9.82 -8.91 8.00
C ARG A 97 8.41 -9.15 7.43
N PRO A 98 7.38 -8.49 8.00
CA PRO A 98 6.04 -8.73 7.47
C PRO A 98 5.87 -8.41 5.99
N ILE A 99 5.06 -9.22 5.32
CA ILE A 99 4.62 -8.98 3.95
C ILE A 99 3.11 -9.03 3.92
N LEU A 100 2.49 -7.99 3.35
CA LEU A 100 1.06 -8.02 3.06
C LEU A 100 0.90 -8.46 1.62
N THR A 101 0.08 -9.47 1.37
CA THR A 101 -0.17 -9.86 -0.02
C THR A 101 -1.54 -9.41 -0.45
N ASP A 102 -1.64 -8.91 -1.68
CA ASP A 102 -2.95 -8.65 -2.25
C ASP A 102 -3.60 -9.96 -2.71
N SER A 103 -4.86 -9.90 -3.10
CA SER A 103 -5.62 -11.11 -3.39
C SER A 103 -5.37 -11.67 -4.78
N GLY A 104 -4.82 -10.83 -5.66
CA GLY A 104 -4.56 -11.20 -7.04
C GLY A 104 -5.65 -10.78 -7.99
N GLY A 105 -6.83 -10.48 -7.45
CA GLY A 105 -7.98 -10.18 -8.28
C GLY A 105 -7.97 -8.83 -8.96
N TYR A 106 -7.38 -7.83 -8.30
CA TYR A 106 -7.37 -6.48 -8.84
C TYR A 106 -6.63 -6.44 -10.17
N GLN A 107 -5.48 -7.08 -10.22
CA GLN A 107 -4.67 -7.06 -11.43
CA GLN A 107 -4.65 -7.09 -11.42
C GLN A 107 -5.21 -8.01 -12.50
N VAL A 108 -6.01 -9.01 -12.08
CA VAL A 108 -6.64 -9.89 -13.05
C VAL A 108 -7.54 -9.05 -13.94
N MET A 109 -8.29 -8.15 -13.31
CA MET A 109 -9.19 -7.27 -14.03
C MET A 109 -8.44 -6.23 -14.87
N SER A 110 -7.24 -5.87 -14.45
CA SER A 110 -6.50 -4.79 -15.13
C SER A 110 -5.36 -5.27 -16.03
N LEU A 111 -4.98 -6.54 -15.95
CA LEU A 111 -3.84 -7.02 -16.73
C LEU A 111 -4.11 -8.22 -17.63
N SER A 112 -5.22 -8.92 -17.42
CA SER A 112 -5.54 -10.08 -18.24
C SER A 112 -6.08 -9.67 -19.61
N THR A 115 -11.46 -12.05 -19.48
CA THR A 115 -11.86 -12.45 -18.14
C THR A 115 -13.34 -12.77 -18.07
N LYS A 116 -13.69 -13.77 -17.27
CA LYS A 116 -15.09 -14.16 -17.07
C LYS A 116 -15.45 -14.11 -15.59
N GLN A 117 -16.45 -13.30 -15.26
CA GLN A 117 -16.87 -13.11 -13.87
C GLN A 117 -18.12 -13.89 -13.50
N SER A 118 -18.10 -14.52 -12.34
CA SER A 118 -19.26 -15.28 -11.85
C SER A 118 -19.28 -15.24 -10.33
N GLU A 119 -20.30 -15.85 -9.73
CA GLU A 119 -20.37 -15.89 -8.27
C GLU A 119 -19.22 -16.70 -7.67
N GLU A 120 -18.76 -17.72 -8.39
CA GLU A 120 -17.65 -18.53 -7.91
C GLU A 120 -16.35 -17.74 -7.83
N GLY A 121 -16.13 -16.86 -8.79
CA GLY A 121 -14.88 -16.12 -8.87
C GLY A 121 -14.63 -15.58 -10.26
N VAL A 122 -13.35 -15.47 -10.64
CA VAL A 122 -12.99 -14.92 -11.95
C VAL A 122 -12.13 -15.89 -12.75
N THR A 123 -12.52 -16.11 -14.00
CA THR A 123 -11.74 -16.91 -14.95
C THR A 123 -11.00 -15.95 -15.86
N PHE A 124 -9.75 -16.26 -16.17
CA PHE A 124 -8.93 -15.34 -16.97
C PHE A 124 -7.82 -16.03 -17.77
N LYS A 125 -7.34 -15.33 -18.80
CA LYS A 125 -6.24 -15.82 -19.62
C LYS A 125 -5.08 -14.83 -19.60
N HIS A 133 -7.05 -19.94 -16.18
CA HIS A 133 -7.00 -20.03 -14.72
C HIS A 133 -8.26 -19.46 -14.09
N MET A 134 -8.65 -20.01 -12.94
CA MET A 134 -9.77 -19.50 -12.17
C MET A 134 -9.30 -19.02 -10.80
N LEU A 135 -9.67 -17.81 -10.45
CA LEU A 135 -9.33 -17.25 -9.15
C LEU A 135 -10.60 -17.02 -8.33
N SER A 136 -10.66 -17.63 -7.16
CA SER A 136 -11.83 -17.55 -6.28
C SER A 136 -11.35 -17.09 -4.90
N PRO A 137 -12.28 -16.73 -4.01
CA PRO A 137 -11.83 -16.41 -2.65
C PRO A 137 -11.02 -17.53 -2.02
N GLU A 138 -11.47 -18.77 -2.19
CA GLU A 138 -10.77 -19.91 -1.61
C GLU A 138 -9.38 -20.11 -2.23
N ARG A 139 -9.29 -20.02 -3.55
CA ARG A 139 -7.99 -20.16 -4.22
C ARG A 139 -7.03 -19.02 -3.87
N SER A 140 -7.56 -17.80 -3.77
CA SER A 140 -6.75 -16.64 -3.40
C SER A 140 -6.14 -16.82 -2.02
N ILE A 141 -6.96 -17.25 -1.06
CA ILE A 141 -6.49 -17.45 0.31
C ILE A 141 -5.42 -18.56 0.34
N GLU A 142 -5.65 -19.62 -0.41
CA GLU A 142 -4.67 -20.70 -0.47
C GLU A 142 -3.35 -20.25 -1.10
N ILE A 143 -3.43 -19.45 -2.17
CA ILE A 143 -2.22 -18.91 -2.79
C ILE A 143 -1.43 -18.06 -1.80
N GLN A 144 -2.13 -17.19 -1.07
CA GLN A 144 -1.48 -16.32 -0.10
C GLN A 144 -0.88 -17.15 1.03
N HIS A 145 -1.56 -18.23 1.41
CA HIS A 145 -1.00 -19.17 2.38
C HIS A 145 0.30 -19.81 1.88
N LEU A 146 0.28 -20.29 0.64
CA LEU A 146 1.47 -20.89 0.04
C LEU A 146 2.65 -19.91 -0.04
N LEU A 147 2.35 -18.65 -0.31
CA LEU A 147 3.39 -17.62 -0.31
C LEU A 147 3.93 -17.35 1.10
N GLY A 148 3.15 -17.64 2.13
CA GLY A 148 3.57 -17.38 3.50
C GLY A 148 3.34 -15.94 3.93
N SER A 149 2.31 -15.32 3.35
CA SER A 149 1.89 -13.98 3.70
C SER A 149 1.62 -13.77 5.18
N ASP A 150 1.98 -12.59 5.70
CA ASP A 150 1.65 -12.21 7.08
C ASP A 150 0.31 -11.51 7.19
N ILE A 151 0.00 -10.64 6.24
CA ILE A 151 -1.33 -10.04 6.18
C ILE A 151 -1.96 -10.43 4.86
N VAL A 152 -3.08 -11.12 4.96
CA VAL A 152 -3.79 -11.69 3.82
C VAL A 152 -4.97 -10.80 3.51
N MET A 153 -5.14 -10.43 2.23
CA MET A 153 -6.30 -9.65 1.83
C MET A 153 -7.44 -10.55 1.36
N ALA A 154 -8.66 -10.26 1.81
CA ALA A 154 -9.83 -10.92 1.26
C ALA A 154 -9.91 -10.68 -0.25
N PHE A 155 -10.44 -11.66 -0.97
CA PHE A 155 -10.65 -11.55 -2.40
C PHE A 155 -11.92 -10.75 -2.66
N ASP A 156 -11.80 -9.65 -3.42
CA ASP A 156 -12.93 -8.75 -3.65
C ASP A 156 -13.07 -8.38 -5.13
N GLU A 157 -13.95 -7.42 -5.38
CA GLU A 157 -14.15 -6.83 -6.70
C GLU A 157 -14.05 -5.31 -6.56
N CYS A 158 -13.08 -4.70 -7.23
CA CYS A 158 -12.97 -3.26 -7.23
C CYS A 158 -13.93 -2.67 -8.25
N THR A 159 -15.03 -2.09 -7.78
CA THR A 159 -16.05 -1.55 -8.66
C THR A 159 -15.48 -0.45 -9.54
N PRO A 160 -15.70 -0.55 -10.86
CA PRO A 160 -15.18 0.52 -11.72
C PRO A 160 -15.87 1.85 -11.43
N TYR A 161 -15.19 2.94 -11.77
CA TYR A 161 -15.71 4.28 -11.55
C TYR A 161 -15.82 5.01 -12.89
N PRO A 162 -16.96 5.67 -13.14
CA PRO A 162 -18.14 5.74 -12.26
C PRO A 162 -19.02 4.49 -12.36
N ALA A 163 -19.89 4.31 -11.39
CA ALA A 163 -20.84 3.21 -11.39
C ALA A 163 -22.22 3.73 -10.98
N THR A 164 -23.26 3.15 -11.55
CA THR A 164 -24.62 3.49 -11.12
C THR A 164 -24.79 2.94 -9.71
N PRO A 165 -25.71 3.54 -8.94
CA PRO A 165 -25.96 3.00 -7.60
C PRO A 165 -26.32 1.52 -7.63
N SER A 166 -27.12 1.08 -8.60
CA SER A 166 -27.52 -0.32 -8.67
CA SER A 166 -27.52 -0.32 -8.69
C SER A 166 -26.33 -1.22 -8.98
N ARG A 167 -25.48 -0.80 -9.90
CA ARG A 167 -24.30 -1.58 -10.25
C ARG A 167 -23.32 -1.62 -9.10
N ALA A 168 -23.13 -0.49 -8.42
CA ALA A 168 -22.26 -0.44 -7.26
C ALA A 168 -22.78 -1.36 -6.16
N ALA A 169 -24.10 -1.38 -5.98
CA ALA A 169 -24.71 -2.20 -4.95
C ALA A 169 -24.51 -3.69 -5.19
N SER A 170 -24.81 -4.15 -6.40
CA SER A 170 -24.66 -5.57 -6.70
C SER A 170 -23.19 -5.99 -6.62
N SER A 171 -22.30 -5.13 -7.07
CA SER A 171 -20.87 -5.38 -6.98
C SER A 171 -20.42 -5.49 -5.53
N MET A 172 -20.81 -4.53 -4.71
CA MET A 172 -20.45 -4.54 -3.29
C MET A 172 -20.97 -5.79 -2.59
N GLU A 173 -22.21 -6.16 -2.89
CA GLU A 173 -22.82 -7.32 -2.25
C GLU A 173 -22.06 -8.61 -2.58
N ARG A 174 -21.63 -8.75 -3.83
CA ARG A 174 -20.80 -9.88 -4.22
C ARG A 174 -19.47 -9.87 -3.44
N SER A 175 -18.86 -8.69 -3.33
CA SER A 175 -17.63 -8.58 -2.54
C SER A 175 -17.85 -8.98 -1.09
N MET A 176 -19.00 -8.66 -0.52
CA MET A 176 -19.26 -9.05 0.87
C MET A 176 -19.43 -10.57 1.00
N ARG A 177 -20.06 -11.21 0.03
CA ARG A 177 -20.16 -12.67 0.05
C ARG A 177 -18.77 -13.30 -0.09
N TRP A 178 -17.95 -12.72 -0.96
CA TRP A 178 -16.57 -13.16 -1.13
C TRP A 178 -15.73 -12.92 0.13
N ALA A 179 -16.06 -11.87 0.88
CA ALA A 179 -15.35 -11.58 2.12
C ALA A 179 -15.61 -12.67 3.16
N LYS A 180 -16.87 -13.11 3.24
CA LYS A 180 -17.21 -14.21 4.14
C LYS A 180 -16.51 -15.50 3.72
N ARG A 181 -16.49 -15.77 2.43
CA ARG A 181 -15.78 -16.96 1.94
C ARG A 181 -14.28 -16.88 2.21
N SER A 182 -13.71 -15.68 2.11
CA SER A 182 -12.29 -15.47 2.41
C SER A 182 -12.01 -15.76 3.88
N ARG A 183 -12.86 -15.23 4.75
CA ARG A 183 -12.79 -15.46 6.19
C ARG A 183 -12.83 -16.95 6.52
N ASP A 184 -13.78 -17.67 5.93
CA ASP A 184 -13.92 -19.10 6.19
C ASP A 184 -12.72 -19.90 5.71
N ALA A 185 -12.21 -19.57 4.53
CA ALA A 185 -11.06 -20.28 3.97
C ALA A 185 -9.82 -20.06 4.83
N PHE A 186 -9.61 -18.81 5.26
CA PHE A 186 -8.50 -18.46 6.13
C PHE A 186 -8.61 -19.22 7.46
N ASP A 187 -9.79 -19.19 8.06
CA ASP A 187 -9.98 -19.83 9.38
C ASP A 187 -9.81 -21.35 9.33
N SER A 188 -10.02 -21.95 8.16
CA SER A 188 -9.94 -23.40 7.98
C SER A 188 -8.50 -23.88 7.94
N ARG A 189 -7.58 -22.97 7.69
CA ARG A 189 -6.16 -23.30 7.59
C ARG A 189 -5.48 -22.91 8.90
N LYS A 190 -5.32 -23.89 9.79
CA LYS A 190 -4.86 -23.65 11.16
C LYS A 190 -3.58 -22.83 11.23
N GLU A 191 -2.59 -23.20 10.42
CA GLU A 191 -1.29 -22.53 10.45
C GLU A 191 -1.42 -21.06 10.00
N GLN A 192 -2.31 -20.80 9.06
CA GLN A 192 -2.55 -19.45 8.60
C GLN A 192 -3.27 -18.64 9.68
N ALA A 193 -4.29 -19.23 10.27
CA ALA A 193 -5.07 -18.55 11.30
C ALA A 193 -4.24 -18.23 12.54
N GLU A 194 -3.24 -19.07 12.81
CA GLU A 194 -2.40 -18.88 13.99
C GLU A 194 -1.27 -17.85 13.77
N ASN A 195 -0.81 -17.72 12.54
CA ASN A 195 0.40 -16.93 12.28
C ASN A 195 0.21 -15.68 11.44
N ALA A 196 -0.92 -15.56 10.77
CA ALA A 196 -1.18 -14.45 9.86
C ALA A 196 -2.41 -13.67 10.29
N ALA A 197 -2.67 -12.57 9.59
CA ALA A 197 -3.86 -11.76 9.83
C ALA A 197 -4.65 -11.64 8.54
N LEU A 198 -5.93 -11.34 8.66
CA LEU A 198 -6.81 -11.22 7.50
C LEU A 198 -7.51 -9.86 7.50
N PHE A 199 -7.42 -9.14 6.39
CA PHE A 199 -8.09 -7.85 6.23
C PHE A 199 -9.30 -7.97 5.29
N GLY A 200 -10.39 -7.28 5.62
CA GLY A 200 -11.52 -7.19 4.72
C GLY A 200 -11.45 -5.90 3.94
N ILE A 201 -12.18 -5.81 2.83
CA ILE A 201 -12.15 -4.63 1.97
C ILE A 201 -13.55 -4.02 1.76
N GLN A 202 -13.73 -2.78 2.18
CA GLN A 202 -15.00 -2.07 2.01
C GLN A 202 -15.18 -1.62 0.58
N GLN A 203 -16.38 -1.82 0.04
CA GLN A 203 -16.72 -1.32 -1.28
C GLN A 203 -17.94 -0.42 -1.17
N GLY A 204 -18.62 -0.14 -2.30
CA GLY A 204 -19.75 0.77 -2.29
C GLY A 204 -19.58 2.01 -3.15
N SER A 205 -18.50 2.07 -3.92
CA SER A 205 -18.25 3.18 -4.83
C SER A 205 -18.23 4.50 -4.05
N VAL A 206 -18.96 5.49 -4.53
CA VAL A 206 -18.98 6.81 -3.87
C VAL A 206 -20.25 7.01 -3.05
N PHE A 207 -21.00 5.95 -2.83
CA PHE A 207 -22.32 6.08 -2.21
C PHE A 207 -22.30 5.77 -0.72
N GLU A 208 -22.71 6.74 0.08
CA GLU A 208 -22.63 6.64 1.54
C GLU A 208 -23.42 5.46 2.10
N ASN A 209 -24.63 5.23 1.61
CA ASN A 209 -25.42 4.12 2.11
C ASN A 209 -24.79 2.77 1.82
N LEU A 210 -24.20 2.62 0.64
CA LEU A 210 -23.57 1.35 0.28
C LEU A 210 -22.29 1.13 1.07
N ARG A 211 -21.53 2.20 1.28
CA ARG A 211 -20.33 2.13 2.12
C ARG A 211 -20.69 1.69 3.54
N GLN A 212 -21.82 2.17 4.04
CA GLN A 212 -22.29 1.79 5.37
C GLN A 212 -22.68 0.31 5.41
N GLN A 213 -23.44 -0.14 4.40
CA GLN A 213 -23.83 -1.53 4.32
C GLN A 213 -22.59 -2.43 4.24
N SER A 214 -21.60 -1.99 3.48
CA SER A 214 -20.36 -2.75 3.34
C SER A 214 -19.62 -2.83 4.67
N ALA A 215 -19.45 -1.70 5.34
CA ALA A 215 -18.80 -1.68 6.65
C ALA A 215 -19.52 -2.59 7.66
N ASP A 216 -20.85 -2.54 7.67
CA ASP A 216 -21.64 -3.39 8.57
C ASP A 216 -21.37 -4.86 8.30
N ALA A 217 -21.36 -5.23 7.02
CA ALA A 217 -21.15 -6.63 6.65
C ALA A 217 -19.76 -7.11 7.08
N LEU A 218 -18.76 -6.26 6.87
CA LEU A 218 -17.40 -6.63 7.22
C LEU A 218 -17.21 -6.76 8.73
N ALA A 219 -17.80 -5.83 9.48
CA ALA A 219 -17.71 -5.88 10.94
C ALA A 219 -18.42 -7.11 11.50
N GLU A 220 -19.57 -7.46 10.91
CA GLU A 220 -20.31 -8.66 11.29
C GLU A 220 -19.46 -9.91 11.14
N ILE A 221 -18.73 -10.00 10.03
CA ILE A 221 -17.83 -11.12 9.80
C ILE A 221 -16.64 -11.05 10.76
N GLY A 222 -16.02 -9.88 10.82
CA GLY A 222 -14.91 -9.64 11.72
C GLY A 222 -13.58 -9.87 11.05
N PHE A 223 -12.74 -8.83 11.01
CA PHE A 223 -11.41 -8.91 10.41
C PHE A 223 -10.39 -8.27 11.33
N ASP A 224 -9.11 -8.53 11.07
CA ASP A 224 -8.02 -7.93 11.84
C ASP A 224 -7.76 -6.49 11.45
N GLY A 225 -8.13 -6.15 10.21
CA GLY A 225 -7.97 -4.80 9.69
C GLY A 225 -8.97 -4.60 8.56
N TYR A 226 -9.19 -3.34 8.20
CA TYR A 226 -10.20 -3.00 7.21
C TYR A 226 -9.63 -2.06 6.18
N ALA A 227 -9.70 -2.47 4.92
CA ALA A 227 -9.27 -1.62 3.84
C ALA A 227 -10.44 -0.85 3.25
N VAL A 228 -10.14 0.35 2.77
CA VAL A 228 -11.09 1.08 1.97
C VAL A 228 -10.75 0.80 0.52
N GLY A 229 -11.60 0.01 -0.13
CA GLY A 229 -11.42 -0.32 -1.53
C GLY A 229 -12.19 0.61 -2.44
N GLY A 230 -12.05 0.40 -3.74
CA GLY A 230 -12.86 1.13 -4.72
C GLY A 230 -12.47 2.59 -4.94
N LEU A 231 -11.34 3.00 -4.40
CA LEU A 231 -10.88 4.38 -4.58
C LEU A 231 -9.54 4.40 -5.31
N ALA A 232 -9.05 5.61 -5.62
CA ALA A 232 -7.89 5.78 -6.49
C ALA A 232 -8.10 5.00 -7.80
N VAL A 233 -9.29 5.18 -8.39
CA VAL A 233 -9.61 4.51 -9.64
C VAL A 233 -10.11 5.51 -10.68
N GLY A 234 -9.65 6.75 -10.55
CA GLY A 234 -9.96 7.79 -11.51
C GLY A 234 -10.86 8.90 -11.00
N GLU A 235 -11.27 8.82 -9.74
CA GLU A 235 -12.22 9.78 -9.20
C GLU A 235 -11.62 11.13 -8.83
N GLY A 236 -10.31 11.17 -8.63
CA GLY A 236 -9.64 12.42 -8.29
C GLY A 236 -9.60 12.65 -6.80
N GLN A 237 -8.69 13.50 -6.34
CA GLN A 237 -8.47 13.67 -4.90
C GLN A 237 -9.67 14.25 -4.14
N ASP A 238 -10.32 15.27 -4.69
CA ASP A 238 -11.47 15.88 -4.02
C ASP A 238 -12.53 14.84 -3.72
N GLU A 239 -12.89 14.05 -4.72
CA GLU A 239 -13.91 13.02 -4.55
C GLU A 239 -13.45 11.90 -3.63
N MET A 240 -12.18 11.49 -3.76
CA MET A 240 -11.63 10.48 -2.88
C MET A 240 -11.72 10.92 -1.43
N PHE A 241 -11.32 12.16 -1.16
CA PHE A 241 -11.38 12.71 0.20
C PHE A 241 -12.82 12.80 0.70
N ARG A 242 -13.73 13.19 -0.19
CA ARG A 242 -15.15 13.26 0.15
C ARG A 242 -15.68 11.90 0.62
N VAL A 243 -15.33 10.86 -0.13
CA VAL A 243 -15.76 9.51 0.22
C VAL A 243 -15.09 9.04 1.52
N LEU A 244 -13.80 9.33 1.67
CA LEU A 244 -13.10 8.97 2.90
C LEU A 244 -13.73 9.65 4.12
N ASP A 245 -14.16 10.90 3.93
CA ASP A 245 -14.78 11.68 5.01
C ASP A 245 -15.88 10.90 5.73
N PHE A 246 -16.77 10.24 4.98
CA PHE A 246 -17.81 9.45 5.60
C PHE A 246 -17.49 7.96 5.75
N SER A 247 -16.56 7.45 4.94
CA SER A 247 -16.36 6.00 4.89
C SER A 247 -15.50 5.47 6.02
N VAL A 248 -14.41 6.17 6.31
CA VAL A 248 -13.50 5.69 7.36
C VAL A 248 -14.15 5.59 8.76
N PRO A 249 -14.96 6.60 9.16
CA PRO A 249 -15.62 6.48 10.47
C PRO A 249 -16.57 5.28 10.58
N MET A 250 -16.97 4.69 9.46
CA MET A 250 -17.84 3.52 9.50
C MET A 250 -17.11 2.25 9.91
N LEU A 251 -15.80 2.25 9.74
CA LEU A 251 -14.99 1.08 10.06
C LEU A 251 -14.73 1.03 11.55
N PRO A 252 -14.50 -0.18 12.10
CA PRO A 252 -14.14 -0.28 13.51
C PRO A 252 -12.94 0.60 13.86
N ASP A 253 -13.09 1.42 14.89
CA ASP A 253 -12.05 2.35 15.26
C ASP A 253 -10.80 1.64 15.76
N ASP A 254 -10.99 0.48 16.38
CA ASP A 254 -9.91 -0.21 17.08
C ASP A 254 -9.05 -1.12 16.21
N LYS A 255 -9.27 -1.09 14.89
CA LYS A 255 -8.49 -1.91 13.95
C LYS A 255 -7.85 -1.00 12.91
N PRO A 256 -6.75 -1.46 12.29
CA PRO A 256 -6.10 -0.63 11.26
C PRO A 256 -7.00 -0.36 10.04
N HIS A 257 -6.79 0.80 9.43
CA HIS A 257 -7.53 1.23 8.25
C HIS A 257 -6.52 1.38 7.10
N TYR A 258 -6.77 0.68 6.00
CA TYR A 258 -5.79 0.57 4.92
C TYR A 258 -6.38 1.11 3.63
N LEU A 259 -5.76 2.16 3.07
CA LEU A 259 -6.23 2.72 1.80
C LEU A 259 -5.40 2.16 0.66
N MET A 260 -6.04 1.35 -0.17
CA MET A 260 -5.32 0.58 -1.19
C MET A 260 -4.93 1.44 -2.39
N GLY A 261 -3.66 1.39 -2.78
CA GLY A 261 -3.19 2.04 -4.00
C GLY A 261 -3.00 3.55 -3.94
N VAL A 262 -2.86 4.09 -2.74
CA VAL A 262 -2.65 5.52 -2.54
C VAL A 262 -1.32 5.72 -1.81
N GLY A 263 -0.48 6.66 -2.23
CA GLY A 263 -0.71 7.56 -3.35
C GLY A 263 0.40 8.60 -3.38
N LYS A 264 0.13 9.76 -3.97
CA LYS A 264 1.06 10.89 -3.93
C LYS A 264 1.20 11.37 -2.48
N PRO A 265 2.31 12.05 -2.16
CA PRO A 265 2.52 12.51 -0.78
C PRO A 265 1.32 13.28 -0.20
N ASP A 266 0.74 14.20 -0.97
CA ASP A 266 -0.40 14.96 -0.49
CA ASP A 266 -0.41 14.97 -0.50
C ASP A 266 -1.64 14.09 -0.28
N ASP A 267 -1.79 13.04 -1.10
CA ASP A 267 -2.88 12.09 -0.92
C ASP A 267 -2.76 11.40 0.42
N ILE A 268 -1.53 11.01 0.75
CA ILE A 268 -1.25 10.31 2.01
C ILE A 268 -1.53 11.19 3.21
N VAL A 269 -1.05 12.43 3.17
CA VAL A 269 -1.29 13.33 4.30
C VAL A 269 -2.79 13.53 4.53
N GLY A 270 -3.54 13.79 3.46
CA GLY A 270 -4.98 14.00 3.57
C GLY A 270 -5.72 12.76 4.04
N ALA A 271 -5.25 11.59 3.60
CA ALA A 271 -5.88 10.35 4.02
C ALA A 271 -5.63 10.07 5.50
N VAL A 272 -4.44 10.39 5.99
CA VAL A 272 -4.15 10.25 7.42
C VAL A 272 -5.03 11.18 8.25
N GLU A 273 -5.24 12.41 7.76
CA GLU A 273 -6.15 13.36 8.40
C GLU A 273 -7.57 12.81 8.48
N ARG A 274 -7.85 11.80 7.66
CA ARG A 274 -9.19 11.21 7.60
C ARG A 274 -9.27 9.81 8.22
N GLY A 275 -8.19 9.40 8.90
CA GLY A 275 -8.22 8.16 9.67
C GLY A 275 -7.54 6.94 9.08
N ILE A 276 -6.78 7.11 8.00
CA ILE A 276 -6.08 5.99 7.38
C ILE A 276 -4.73 5.69 8.05
N ASP A 277 -4.45 4.40 8.27
CA ASP A 277 -3.24 3.94 8.96
C ASP A 277 -2.20 3.27 8.06
N MET A 278 -2.59 2.85 6.86
CA MET A 278 -1.71 2.06 5.99
C MET A 278 -1.94 2.42 4.53
N PHE A 279 -0.85 2.38 3.76
CA PHE A 279 -0.84 2.78 2.36
C PHE A 279 0.09 1.89 1.57
N ASP A 280 -0.20 1.71 0.28
CA ASP A 280 0.75 1.14 -0.67
C ASP A 280 0.62 1.88 -1.98
N CYS A 281 1.71 2.00 -2.72
CA CYS A 281 1.67 2.63 -4.02
CA CYS A 281 1.62 2.49 -4.09
C CYS A 281 2.94 2.34 -4.83
N VAL A 282 2.81 2.17 -6.13
CA VAL A 282 3.98 1.98 -6.99
C VAL A 282 4.67 3.30 -7.33
N LEU A 283 4.05 4.43 -6.99
CA LEU A 283 4.58 5.73 -7.41
CA LEU A 283 4.58 5.73 -7.40
C LEU A 283 6.07 5.96 -7.08
N PRO A 284 6.49 5.74 -5.81
CA PRO A 284 7.91 6.06 -5.57
C PRO A 284 8.89 5.20 -6.38
N THR A 285 8.58 3.92 -6.55
CA THR A 285 9.43 3.05 -7.33
C THR A 285 9.31 3.35 -8.84
N ARG A 286 8.09 3.33 -9.37
CA ARG A 286 7.87 3.57 -10.79
CA ARG A 286 7.87 3.56 -10.79
C ARG A 286 8.37 4.94 -11.22
N SER A 287 8.03 5.98 -10.45
CA SER A 287 8.50 7.34 -10.74
C SER A 287 10.01 7.40 -10.73
N GLY A 288 10.59 6.72 -9.75
CA GLY A 288 12.04 6.70 -9.59
C GLY A 288 12.71 6.28 -10.88
N ARG A 289 12.23 5.16 -11.45
CA ARG A 289 12.81 4.64 -12.67
C ARG A 289 12.61 5.61 -13.84
N ASN A 290 11.52 6.38 -13.80
CA ASN A 290 11.20 7.30 -14.89
CA ASN A 290 11.19 7.31 -14.88
C ASN A 290 11.83 8.69 -14.74
N GLY A 291 12.56 8.90 -13.65
CA GLY A 291 13.27 10.17 -13.48
C GLY A 291 12.59 11.20 -12.60
N GLN A 292 11.50 10.82 -11.95
CA GLN A 292 10.84 11.74 -11.04
C GLN A 292 11.31 11.50 -9.61
N ALA A 293 11.85 12.54 -8.97
CA ALA A 293 12.28 12.45 -7.58
C ALA A 293 11.38 13.30 -6.70
N PHE A 294 10.96 12.74 -5.56
CA PHE A 294 10.17 13.50 -4.61
C PHE A 294 11.06 14.33 -3.69
N THR A 295 10.66 15.57 -3.45
CA THR A 295 11.37 16.47 -2.53
C THR A 295 10.36 17.23 -1.70
N TRP A 296 10.80 17.86 -0.62
CA TRP A 296 9.89 18.63 0.22
C TRP A 296 9.34 19.86 -0.49
N ASP A 297 9.99 20.25 -1.59
CA ASP A 297 9.50 21.35 -2.41
C ASP A 297 8.76 20.85 -3.65
N GLY A 298 8.26 19.61 -3.58
CA GLY A 298 7.53 19.03 -4.69
C GLY A 298 8.39 18.12 -5.54
N PRO A 299 7.77 17.39 -6.48
CA PRO A 299 8.54 16.49 -7.34
C PRO A 299 9.39 17.25 -8.34
N ILE A 300 10.52 16.66 -8.73
CA ILE A 300 11.34 17.22 -9.80
C ILE A 300 11.60 16.14 -10.84
N ASN A 301 11.80 16.52 -12.10
CA ASN A 301 12.28 15.54 -13.07
C ASN A 301 13.76 15.71 -13.31
N ILE A 302 14.50 14.75 -12.80
CA ILE A 302 15.94 14.80 -12.79
C ILE A 302 16.56 14.84 -14.19
N ARG A 303 15.80 14.41 -15.21
CA ARG A 303 16.29 14.46 -16.58
CA ARG A 303 16.25 14.46 -16.60
C ARG A 303 16.38 15.89 -17.12
N ASN A 304 15.66 16.81 -16.49
CA ASN A 304 15.62 18.19 -16.98
C ASN A 304 17.03 18.80 -17.01
N ALA A 305 17.32 19.54 -18.08
CA ALA A 305 18.64 20.12 -18.30
C ALA A 305 19.10 21.00 -17.14
N ARG A 306 18.16 21.56 -16.38
CA ARG A 306 18.53 22.45 -15.30
CA ARG A 306 18.51 22.45 -15.29
C ARG A 306 19.32 21.77 -14.19
N PHE A 307 19.32 20.43 -14.19
CA PHE A 307 20.04 19.67 -13.17
C PHE A 307 21.42 19.19 -13.60
N SER A 308 21.80 19.50 -14.84
CA SER A 308 23.03 18.94 -15.43
C SER A 308 24.31 19.32 -14.67
N GLU A 309 24.32 20.46 -14.00
CA GLU A 309 25.50 20.88 -13.23
C GLU A 309 25.16 21.19 -11.77
N ASP A 310 24.05 20.63 -11.30
CA ASP A 310 23.57 20.91 -9.95
C ASP A 310 24.23 19.94 -8.98
N LEU A 311 25.10 20.46 -8.11
CA LEU A 311 25.85 19.63 -7.17
C LEU A 311 25.08 19.27 -5.89
N LYS A 312 23.90 19.86 -5.72
CA LYS A 312 23.08 19.57 -4.55
C LYS A 312 22.51 18.16 -4.62
N PRO A 313 22.22 17.56 -3.46
CA PRO A 313 21.53 16.28 -3.48
C PRO A 313 20.09 16.43 -4.00
N LEU A 314 19.43 15.31 -4.29
CA LEU A 314 18.06 15.34 -4.77
C LEU A 314 17.18 16.22 -3.87
N ASP A 315 17.30 16.05 -2.56
CA ASP A 315 16.58 16.90 -1.62
C ASP A 315 17.53 17.35 -0.52
N SER A 316 17.42 18.64 -0.17
CA SER A 316 18.34 19.30 0.75
C SER A 316 18.28 18.82 2.20
N GLU A 317 17.19 18.18 2.59
CA GLU A 317 17.01 17.75 3.97
C GLU A 317 17.05 16.24 4.12
N CYS A 318 16.82 15.53 3.03
CA CYS A 318 16.68 14.09 3.03
C CYS A 318 17.86 13.40 3.67
N HIS A 319 17.59 12.42 4.52
CA HIS A 319 18.62 11.72 5.27
C HIS A 319 19.11 10.46 4.58
N CYS A 320 18.63 10.20 3.36
CA CYS A 320 18.94 8.91 2.73
C CYS A 320 20.38 8.83 2.23
N ALA A 321 20.84 7.60 2.00
CA ALA A 321 22.22 7.36 1.57
C ALA A 321 22.52 8.03 0.23
N VAL A 322 21.51 8.11 -0.63
CA VAL A 322 21.71 8.72 -1.93
C VAL A 322 22.02 10.20 -1.80
N CYS A 323 21.27 10.89 -0.94
CA CYS A 323 21.47 12.32 -0.75
C CYS A 323 22.71 12.62 0.08
N GLN A 324 23.23 11.63 0.79
CA GLN A 324 24.47 11.84 1.52
C GLN A 324 25.68 11.80 0.57
N LYS A 325 25.53 11.13 -0.57
CA LYS A 325 26.70 10.85 -1.40
C LYS A 325 26.72 11.42 -2.83
N TRP A 326 25.59 11.40 -3.52
CA TRP A 326 25.59 11.77 -4.94
C TRP A 326 24.81 13.03 -5.24
N SER A 327 25.24 13.73 -6.28
CA SER A 327 24.61 14.97 -6.70
C SER A 327 23.47 14.74 -7.70
N ARG A 328 22.61 15.74 -7.80
CA ARG A 328 21.62 15.79 -8.87
C ARG A 328 22.28 15.63 -10.24
N ALA A 329 23.41 16.30 -10.42
CA ALA A 329 24.13 16.25 -11.70
C ALA A 329 24.50 14.82 -12.09
N TYR A 330 24.99 14.04 -11.12
CA TYR A 330 25.37 12.67 -11.42
C TYR A 330 24.15 11.81 -11.74
N ILE A 331 23.09 11.95 -10.96
CA ILE A 331 21.90 11.13 -11.17
C ILE A 331 21.22 11.52 -12.50
N HIS A 332 21.23 12.81 -12.81
CA HIS A 332 20.79 13.33 -14.11
C HIS A 332 21.51 12.60 -15.24
N HIS A 333 22.84 12.57 -15.15
CA HIS A 333 23.65 11.86 -16.12
C HIS A 333 23.27 10.38 -16.24
N LEU A 334 23.14 9.69 -15.11
CA LEU A 334 22.79 8.27 -15.10
C LEU A 334 21.45 8.00 -15.76
N ILE A 335 20.43 8.76 -15.38
CA ILE A 335 19.09 8.53 -15.93
C ILE A 335 19.05 8.82 -17.43
N ARG A 336 19.71 9.90 -17.86
CA ARG A 336 19.75 10.21 -19.28
C ARG A 336 20.51 9.14 -20.07
N ALA A 337 21.51 8.52 -19.43
CA ALA A 337 22.29 7.46 -20.08
C ALA A 337 21.60 6.09 -20.04
N GLY A 338 20.46 5.99 -19.36
CA GLY A 338 19.76 4.71 -19.23
C GLY A 338 20.47 3.72 -18.33
N GLU A 339 21.27 4.24 -17.40
CA GLU A 339 22.07 3.38 -16.53
C GLU A 339 21.25 2.81 -15.37
N ILE A 340 21.48 1.53 -15.09
CA ILE A 340 20.78 0.87 -14.00
C ILE A 340 20.98 1.57 -12.65
N LEU A 341 22.20 2.05 -12.40
CA LEU A 341 22.47 2.74 -11.15
C LEU A 341 21.56 3.97 -10.98
N GLY A 342 21.19 4.60 -12.09
CA GLY A 342 20.25 5.71 -12.02
C GLY A 342 18.91 5.28 -11.41
N ALA A 343 18.38 4.15 -11.89
CA ALA A 343 17.14 3.60 -11.36
C ALA A 343 17.30 3.23 -9.88
N MET A 344 18.43 2.62 -9.54
CA MET A 344 18.72 2.24 -8.16
C MET A 344 18.71 3.43 -7.22
N LEU A 345 19.44 4.48 -7.58
CA LEU A 345 19.57 5.64 -6.70
C LEU A 345 18.26 6.41 -6.58
N MET A 346 17.57 6.62 -7.70
CA MET A 346 16.29 7.32 -7.68
C MET A 346 15.28 6.58 -6.82
N THR A 347 15.24 5.26 -6.97
CA THR A 347 14.28 4.45 -6.23
C THR A 347 14.56 4.45 -4.74
N GLU A 348 15.82 4.28 -4.37
CA GLU A 348 16.18 4.32 -2.95
C GLU A 348 15.81 5.67 -2.33
N HIS A 349 16.15 6.76 -3.02
CA HIS A 349 15.75 8.06 -2.51
C HIS A 349 14.23 8.22 -2.38
N ASN A 350 13.48 7.84 -3.40
CA ASN A 350 12.02 8.03 -3.34
C ASN A 350 11.38 7.23 -2.22
N ILE A 351 11.82 5.98 -2.05
CA ILE A 351 11.28 5.16 -0.99
C ILE A 351 11.68 5.72 0.37
N ALA A 352 12.91 6.19 0.50
CA ALA A 352 13.36 6.84 1.73
C ALA A 352 12.55 8.12 2.00
N PHE A 353 12.27 8.88 0.96
CA PHE A 353 11.47 10.10 1.12
C PHE A 353 10.08 9.75 1.66
N TYR A 354 9.44 8.76 1.06
CA TYR A 354 8.15 8.30 1.55
C TYR A 354 8.19 7.86 3.02
N GLN A 355 9.24 7.14 3.39
CA GLN A 355 9.38 6.70 4.78
C GLN A 355 9.61 7.88 5.73
N GLN A 356 10.38 8.87 5.28
CA GLN A 356 10.58 10.07 6.09
C GLN A 356 9.27 10.86 6.24
N LEU A 357 8.47 10.91 5.18
CA LEU A 357 7.14 11.49 5.26
C LEU A 357 6.32 10.78 6.34
N MET A 358 6.30 9.44 6.30
CA MET A 358 5.54 8.70 7.31
C MET A 358 6.07 8.95 8.72
N GLN A 359 7.38 9.05 8.87
CA GLN A 359 7.97 9.32 10.18
C GLN A 359 7.55 10.68 10.70
N LYS A 360 7.53 11.69 9.83
CA LYS A 360 7.11 13.03 10.22
C LYS A 360 5.64 13.04 10.59
N ILE A 361 4.84 12.27 9.86
CA ILE A 361 3.42 12.13 10.18
C ILE A 361 3.26 11.49 11.57
N ARG A 362 3.97 10.40 11.81
CA ARG A 362 3.88 9.71 13.09
C ARG A 362 4.31 10.61 14.27
N ASP A 363 5.46 11.26 14.10
CA ASP A 363 5.95 12.13 15.15
C ASP A 363 5.01 13.31 15.41
N SER A 364 4.49 13.91 14.35
CA SER A 364 3.63 15.07 14.54
C SER A 364 2.30 14.69 15.22
N ILE A 365 1.72 13.55 14.86
CA ILE A 365 0.52 13.08 15.55
C ILE A 365 0.82 12.82 17.03
N SER A 366 1.92 12.10 17.28
CA SER A 366 2.35 11.79 18.64
CA SER A 366 2.29 11.79 18.64
C SER A 366 2.48 13.05 19.49
N GLU A 367 2.95 14.12 18.85
CA GLU A 367 3.22 15.38 19.54
C GLU A 367 2.05 16.37 19.49
N GLY A 368 0.97 15.97 18.85
CA GLY A 368 -0.22 16.79 18.79
C GLY A 368 -0.06 18.04 17.94
N ARG A 369 0.78 17.93 16.90
CA ARG A 369 1.03 19.03 15.99
C ARG A 369 0.89 18.60 14.53
N PHE A 370 0.09 17.57 14.28
CA PHE A 370 -0.11 17.06 12.93
C PHE A 370 -0.83 18.05 12.01
N SER A 371 -1.84 18.73 12.53
CA SER A 371 -2.55 19.75 11.75
C SER A 371 -1.58 20.79 11.20
N GLN A 372 -0.69 21.27 12.07
CA GLN A 372 0.29 22.26 11.66
C GLN A 372 1.25 21.66 10.64
N PHE A 373 1.66 20.41 10.87
CA PHE A 373 2.53 19.74 9.91
C PHE A 373 1.90 19.65 8.52
N ALA A 374 0.62 19.28 8.48
CA ALA A 374 -0.09 19.11 7.21
C ALA A 374 -0.12 20.43 6.46
N GLN A 375 -0.43 21.51 7.17
CA GLN A 375 -0.46 22.83 6.59
C GLN A 375 0.91 23.27 6.09
N ASP A 376 1.93 23.07 6.93
CA ASP A 376 3.30 23.44 6.56
C ASP A 376 3.79 22.61 5.38
N PHE A 377 3.47 21.32 5.41
CA PHE A 377 3.86 20.42 4.32
C PHE A 377 3.28 20.90 2.99
N ARG A 378 1.98 21.17 2.97
CA ARG A 378 1.30 21.54 1.74
C ARG A 378 1.77 22.88 1.20
N ALA A 379 1.99 23.85 2.09
CA ALA A 379 2.45 25.17 1.68
C ALA A 379 3.78 25.10 0.94
N ARG A 380 4.67 24.27 1.46
CA ARG A 380 6.01 24.16 0.88
C ARG A 380 6.03 23.25 -0.34
N TYR A 381 5.31 22.13 -0.24
CA TYR A 381 5.31 21.15 -1.32
C TYR A 381 4.72 21.73 -2.60
N PHE A 382 3.70 22.60 -2.45
CA PHE A 382 3.03 23.18 -3.60
C PHE A 382 3.39 24.64 -3.87
N ALA A 383 4.47 25.12 -3.27
CA ALA A 383 4.87 26.52 -3.43
C ALA A 383 5.18 26.87 -4.88
ZN ZN B . 17.40 11.24 -0.47
C1 GOL C . 16.11 -7.22 4.76
O1 GOL C . 17.37 -7.76 4.43
C2 GOL C . 15.62 -7.94 5.99
O2 GOL C . 15.09 -9.18 5.60
C3 GOL C . 14.55 -7.08 6.67
O3 GOL C . 14.52 -7.38 8.05
C1 GOL D . 7.53 19.70 5.45
O1 GOL D . 7.50 20.90 4.70
C2 GOL D . 8.71 19.76 6.42
O2 GOL D . 8.40 19.05 7.59
C3 GOL D . 9.93 19.10 5.75
O3 GOL D . 11.03 19.13 6.63
C1 GOL E . 27.16 15.74 -3.88
O1 GOL E . 27.61 16.86 -4.63
C2 GOL E . 26.33 16.22 -2.71
O2 GOL E . 27.16 16.76 -1.70
C3 GOL E . 25.56 15.06 -2.08
O3 GOL E . 25.20 15.44 -0.78
N1 SQO F . -9.64 -3.86 -4.01
N3 SQO F . -7.33 -3.95 -4.55
C4 SQO F . -7.39 -2.61 -4.90
C5 SQO F . -8.58 -1.87 -4.79
C6 SQO F . -9.80 -2.54 -4.32
C7 SQO F . -8.59 -0.52 -5.15
C8 SQO F . -7.46 0.06 -5.68
C10 SQO F . -6.25 -2.01 -5.42
N12 SQO F . -7.19 1.31 -6.20
C13 SQO F . -5.92 1.27 -6.65
C2 SQO F . -8.45 -4.54 -4.13
C9 SQO F . -6.28 -0.67 -5.83
N14 SQO F . -5.32 0.12 -6.46
N15 SQO F . -5.38 2.34 -7.24
O16 SQO F . -10.89 -1.99 -4.24
C25 SQO F . -4.02 2.34 -7.77
C11 SQO F . -3.58 3.71 -8.20
N6 SQO F . -2.25 3.68 -8.81
C12 SQO F . -1.56 4.96 -8.69
C131 SQO F . -0.20 4.88 -9.32
O2 SQO F . -0.27 4.51 -10.69
C14 SQO F . -0.95 3.26 -10.83
C15 SQO F . -2.33 3.30 -10.23
#